data_9FPV
#
_entry.id   9FPV
#
_cell.length_a   55.054
_cell.length_b   57.958
_cell.length_c   160.174
_cell.angle_alpha   90.000
_cell.angle_beta   90.000
_cell.angle_gamma   90.000
#
_symmetry.space_group_name_H-M   'P 21 21 21'
#
loop_
_entity.id
_entity.type
_entity.pdbx_description
1 polymer 'Carbonic anhydrase 13'
2 non-polymer 'ZINC ION'
3 non-polymer 'methyl 4-(phenylmethylsulfanyl)-3-sulfamoyl-benzoate'
4 water water
#
_entity_poly.entity_id   1
_entity_poly.type   'polypeptide(L)'
_entity_poly.pdbx_seq_one_letter_code
;MMSRLSWGYREHNGPIHWKEFFPIADGDQQSPIEIKTKEVKYDSSLRPLSIKYDPSSAKIISNSGHSFNVDFDDTENKSV
LRGGPLTGSYRLRQVHLHWGSADDHGSEHIVDGVSYAAELHVVHWNSDKYPSFVEAAHEPDGLAVLGVFLQIGEPNSQLQ
KITDTLDSIKEKGKQTRFTNFDLLSLLPPSWDYWTYPGSLTVPPLLESVTWIVLKQPINISSQQLAKFRSLLCTAEGEAA
AFLVSNHRPPQPLKGRKVRASFH
;
_entity_poly.pdbx_strand_id   B,A
#
# COMPACT_ATOMS: atom_id res chain seq x y z
N SER A 6 -0.95 15.10 -37.83
CA SER A 6 -1.04 14.19 -36.67
C SER A 6 -1.06 15.01 -35.38
N TRP A 7 -1.56 14.37 -34.31
CA TRP A 7 -2.06 15.12 -33.16
C TRP A 7 -0.92 15.57 -32.24
N GLY A 8 -1.17 16.66 -31.52
CA GLY A 8 -0.23 17.17 -30.54
C GLY A 8 -0.86 18.26 -29.70
N TYR A 9 -0.05 19.26 -29.32
CA TYR A 9 -0.56 20.29 -28.42
C TYR A 9 -0.28 21.69 -29.00
N ARG A 10 0.05 21.73 -30.29
CA ARG A 10 0.35 22.97 -31.00
C ARG A 10 -0.96 23.58 -31.51
N GLU A 11 -0.87 24.77 -32.12
CA GLU A 11 -2.10 25.49 -32.37
C GLU A 11 -3.02 24.70 -33.31
N HIS A 12 -2.47 24.14 -34.39
CA HIS A 12 -3.30 23.48 -35.38
C HIS A 12 -3.59 22.01 -35.08
N ASN A 13 -2.92 21.38 -34.09
CA ASN A 13 -3.13 19.95 -33.93
C ASN A 13 -3.51 19.63 -32.49
N GLY A 14 -3.80 20.72 -31.76
CA GLY A 14 -3.98 20.66 -30.31
C GLY A 14 -5.35 20.16 -29.87
N PRO A 15 -5.56 20.01 -28.52
CA PRO A 15 -6.80 19.48 -27.97
C PRO A 15 -8.14 19.96 -28.53
N ILE A 16 -8.21 21.26 -28.85
CA ILE A 16 -9.44 21.83 -29.34
C ILE A 16 -9.81 21.25 -30.72
N HIS A 17 -8.86 20.60 -31.40
CA HIS A 17 -9.01 20.09 -32.76
C HIS A 17 -9.16 18.58 -32.75
N TRP A 18 -8.99 17.97 -31.56
CA TRP A 18 -9.04 16.52 -31.54
C TRP A 18 -10.44 16.02 -31.90
N LYS A 19 -11.50 16.76 -31.55
CA LYS A 19 -12.87 16.35 -31.84
C LYS A 19 -13.14 16.31 -33.35
N GLU A 20 -12.27 16.94 -34.16
CA GLU A 20 -12.41 16.92 -35.62
C GLU A 20 -11.95 15.56 -36.17
N PHE A 21 -11.20 14.78 -35.37
CA PHE A 21 -10.60 13.55 -35.89
C PHE A 21 -10.92 12.29 -35.09
N PHE A 22 -11.24 12.45 -33.79
CA PHE A 22 -11.55 11.30 -32.93
C PHE A 22 -12.97 11.45 -32.43
N PRO A 23 -13.92 10.67 -32.96
CA PRO A 23 -15.31 10.77 -32.56
C PRO A 23 -15.51 10.78 -31.05
N ILE A 24 -14.71 9.98 -30.32
CA ILE A 24 -14.96 9.82 -28.89
C ILE A 24 -14.55 11.07 -28.10
N ALA A 25 -13.79 11.99 -28.70
CA ALA A 25 -13.39 13.20 -28.00
C ALA A 25 -14.56 13.98 -27.41
N ASP A 26 -15.77 13.86 -28.01
CA ASP A 26 -16.98 14.54 -27.57
C ASP A 26 -17.88 13.62 -26.73
N GLY A 27 -17.35 12.45 -26.33
CA GLY A 27 -18.14 11.40 -25.71
C GLY A 27 -18.58 11.79 -24.29
N ASP A 28 -19.24 10.86 -23.60
CA ASP A 28 -19.89 11.20 -22.36
C ASP A 28 -19.02 10.85 -21.15
N GLN A 29 -17.87 10.19 -21.38
CA GLN A 29 -17.02 9.83 -20.22
C GLN A 29 -15.58 10.33 -20.43
N GLN A 30 -15.43 11.60 -20.82
CA GLN A 30 -14.08 12.06 -21.17
C GLN A 30 -13.34 12.68 -19.97
N SER A 31 -12.00 12.67 -20.04
CA SER A 31 -11.14 13.13 -18.96
C SER A 31 -10.15 14.14 -19.51
N PRO A 32 -9.57 15.05 -18.69
CA PRO A 32 -9.77 15.15 -17.26
C PRO A 32 -10.99 16.01 -16.91
N ILE A 33 -11.24 16.20 -15.61
CA ILE A 33 -12.41 16.98 -15.19
C ILE A 33 -12.01 17.96 -14.08
N GLU A 34 -12.92 18.90 -13.77
CA GLU A 34 -12.83 19.69 -12.55
C GLU A 34 -13.39 18.89 -11.38
N ILE A 35 -12.61 18.87 -10.29
CA ILE A 35 -13.05 18.21 -9.06
C ILE A 35 -13.46 19.31 -8.09
N LYS A 36 -14.77 19.35 -7.75
CA LYS A 36 -15.29 20.29 -6.75
C LYS A 36 -15.46 19.51 -5.46
N THR A 37 -14.59 19.80 -4.48
CA THR A 37 -14.36 18.93 -3.34
C THR A 37 -15.58 18.89 -2.43
N LYS A 38 -16.39 19.96 -2.44
CA LYS A 38 -17.55 19.95 -1.57
C LYS A 38 -18.72 19.24 -2.24
N GLU A 39 -18.61 18.90 -3.54
CA GLU A 39 -19.70 18.29 -4.30
C GLU A 39 -19.50 16.78 -4.50
N VAL A 40 -18.32 16.30 -4.11
N VAL A 40 -18.30 16.29 -4.18
CA VAL A 40 -17.94 14.89 -4.23
CA VAL A 40 -18.05 14.86 -4.35
C VAL A 40 -18.60 14.08 -3.12
C VAL A 40 -18.74 14.12 -3.21
N LYS A 41 -18.94 12.82 -3.41
CA LYS A 41 -19.72 12.02 -2.47
C LYS A 41 -18.76 11.05 -1.75
N TYR A 42 -18.58 11.15 -0.42
CA TYR A 42 -17.88 10.10 0.33
C TYR A 42 -18.62 8.76 0.19
N ASP A 43 -17.91 7.65 -0.13
CA ASP A 43 -18.52 6.36 -0.39
C ASP A 43 -17.85 5.32 0.52
N SER A 44 -18.58 4.79 1.51
CA SER A 44 -17.95 3.82 2.43
C SER A 44 -17.71 2.47 1.74
N SER A 45 -18.27 2.25 0.54
CA SER A 45 -18.06 1.00 -0.15
C SER A 45 -16.71 0.98 -0.87
N LEU A 46 -16.04 2.14 -0.93
CA LEU A 46 -14.70 2.17 -1.50
C LEU A 46 -13.72 1.49 -0.53
N ARG A 47 -12.64 0.96 -1.09
CA ARG A 47 -11.68 0.28 -0.21
C ARG A 47 -10.38 1.09 -0.26
N PRO A 48 -9.49 0.89 0.74
CA PRO A 48 -8.17 1.53 0.66
C PRO A 48 -7.31 1.08 -0.53
N LEU A 49 -6.44 1.96 -1.05
CA LEU A 49 -5.57 1.52 -2.13
C LEU A 49 -4.52 0.60 -1.51
N SER A 50 -4.09 -0.41 -2.27
CA SER A 50 -3.05 -1.34 -1.86
C SER A 50 -2.06 -1.45 -3.03
N ILE A 51 -0.86 -0.90 -2.80
CA ILE A 51 0.09 -0.71 -3.91
C ILE A 51 1.35 -1.55 -3.67
N LYS A 52 1.86 -2.24 -4.71
CA LYS A 52 3.14 -2.92 -4.61
C LYS A 52 3.89 -2.64 -5.90
N TYR A 53 4.96 -1.83 -5.83
CA TYR A 53 5.69 -1.47 -7.03
C TYR A 53 7.16 -1.89 -6.87
N ASP A 54 7.60 -2.85 -7.70
CA ASP A 54 8.93 -3.43 -7.53
C ASP A 54 9.91 -2.49 -8.21
N PRO A 55 11.01 -2.06 -7.56
CA PRO A 55 11.97 -1.15 -8.22
C PRO A 55 12.67 -1.79 -9.40
N SER A 56 12.69 -3.14 -9.45
CA SER A 56 13.21 -3.77 -10.66
C SER A 56 12.25 -3.76 -11.87
N SER A 57 11.00 -3.31 -11.75
CA SER A 57 10.08 -3.36 -12.87
C SER A 57 10.40 -2.31 -13.95
N ALA A 58 10.92 -1.13 -13.57
CA ALA A 58 11.19 -0.13 -14.61
C ALA A 58 12.33 -0.60 -15.52
N LYS A 59 12.23 -0.31 -16.83
CA LYS A 59 13.28 -0.83 -17.70
C LYS A 59 13.81 0.21 -18.70
N ILE A 60 12.94 1.05 -19.29
CA ILE A 60 13.29 1.93 -20.40
C ILE A 60 12.60 3.27 -20.21
N ILE A 61 13.26 4.37 -20.56
CA ILE A 61 12.55 5.65 -20.64
C ILE A 61 12.71 6.17 -22.08
N SER A 62 11.64 6.76 -22.61
CA SER A 62 11.67 7.20 -23.99
C SER A 62 10.89 8.49 -24.17
N ASN A 63 11.20 9.21 -25.26
CA ASN A 63 10.42 10.41 -25.58
C ASN A 63 9.40 10.00 -26.62
N SER A 64 8.11 10.02 -26.29
CA SER A 64 7.06 9.64 -27.24
C SER A 64 6.74 10.75 -28.24
N GLY A 65 7.24 11.95 -27.97
CA GLY A 65 6.84 13.15 -28.67
C GLY A 65 5.74 13.92 -27.92
N HIS A 66 5.10 13.26 -26.92
CA HIS A 66 4.03 13.91 -26.18
C HIS A 66 4.32 14.02 -24.68
N SER A 67 5.31 13.24 -24.17
CA SER A 67 5.77 13.25 -22.81
C SER A 67 6.99 12.35 -22.81
N PHE A 68 7.62 12.17 -21.64
CA PHE A 68 8.49 11.02 -21.50
C PHE A 68 7.58 9.86 -21.09
N ASN A 69 8.04 8.64 -21.29
CA ASN A 69 7.33 7.43 -20.90
C ASN A 69 8.36 6.53 -20.24
N VAL A 70 8.09 6.11 -18.99
CA VAL A 70 8.89 5.07 -18.36
C VAL A 70 8.10 3.79 -18.57
N ASP A 71 8.71 2.79 -19.22
CA ASP A 71 8.01 1.53 -19.48
C ASP A 71 8.45 0.51 -18.44
N PHE A 72 7.49 -0.30 -17.94
CA PHE A 72 7.74 -1.31 -16.92
C PHE A 72 7.52 -2.69 -17.55
N ASP A 73 8.20 -3.69 -16.99
CA ASP A 73 8.02 -5.05 -17.45
C ASP A 73 6.70 -5.54 -16.86
N ASP A 74 5.70 -5.70 -17.71
CA ASP A 74 4.40 -6.16 -17.25
C ASP A 74 4.19 -7.62 -17.66
N THR A 75 5.31 -8.38 -17.68
CA THR A 75 5.25 -9.79 -18.04
C THR A 75 4.46 -10.56 -16.98
N GLU A 76 4.63 -10.20 -15.70
CA GLU A 76 3.77 -10.81 -14.67
C GLU A 76 3.43 -9.77 -13.61
N ASN A 77 3.11 -10.22 -12.38
CA ASN A 77 2.43 -9.38 -11.39
C ASN A 77 3.37 -8.93 -10.31
N LYS A 78 4.58 -8.54 -10.70
CA LYS A 78 5.56 -8.02 -9.75
C LYS A 78 5.17 -6.62 -9.29
N SER A 79 4.47 -5.83 -10.14
CA SER A 79 4.08 -4.48 -9.74
C SER A 79 2.59 -4.30 -10.04
N VAL A 80 1.79 -4.04 -8.97
CA VAL A 80 0.34 -4.07 -9.14
C VAL A 80 -0.30 -3.02 -8.26
N LEU A 81 -1.51 -2.64 -8.67
CA LEU A 81 -2.38 -1.78 -7.88
C LEU A 81 -3.66 -2.58 -7.60
N ARG A 82 -4.08 -2.57 -6.33
CA ARG A 82 -5.29 -3.29 -5.96
C ARG A 82 -6.08 -2.38 -5.02
N GLY A 83 -7.34 -2.74 -4.75
CA GLY A 83 -8.14 -1.97 -3.78
C GLY A 83 -8.76 -0.72 -4.42
N GLY A 84 -8.98 0.30 -3.59
CA GLY A 84 -9.65 1.47 -4.11
C GLY A 84 -11.03 1.11 -4.65
N PRO A 85 -11.43 1.67 -5.83
CA PRO A 85 -12.68 1.27 -6.48
C PRO A 85 -12.57 0.00 -7.31
N LEU A 86 -11.36 -0.62 -7.40
CA LEU A 86 -11.13 -1.64 -8.40
C LEU A 86 -11.54 -3.03 -7.92
N THR A 87 -12.02 -3.84 -8.86
CA THR A 87 -12.16 -5.28 -8.65
C THR A 87 -10.92 -6.00 -9.21
N GLY A 88 -10.24 -6.76 -8.35
CA GLY A 88 -9.07 -7.55 -8.77
C GLY A 88 -7.80 -6.69 -8.82
N SER A 89 -6.85 -7.16 -9.62
CA SER A 89 -5.50 -6.67 -9.60
C SER A 89 -5.17 -6.04 -10.96
N TYR A 90 -4.64 -4.81 -10.93
CA TYR A 90 -4.25 -4.11 -12.15
C TYR A 90 -2.71 -3.98 -12.19
N ARG A 91 -2.11 -4.33 -13.33
CA ARG A 91 -0.67 -4.46 -13.49
C ARG A 91 -0.06 -3.16 -14.01
N LEU A 92 1.04 -2.72 -13.39
CA LEU A 92 1.73 -1.49 -13.78
C LEU A 92 2.30 -1.62 -15.20
N ARG A 93 2.00 -0.64 -16.06
CA ARG A 93 2.55 -0.60 -17.42
C ARG A 93 3.49 0.58 -17.71
N GLN A 94 3.10 1.80 -17.32
N GLN A 94 3.10 1.80 -17.33
CA GLN A 94 3.83 2.98 -17.80
CA GLN A 94 3.97 2.91 -17.69
C GLN A 94 3.62 4.15 -16.86
C GLN A 94 3.66 4.12 -16.82
N VAL A 95 4.60 5.08 -16.80
CA VAL A 95 4.42 6.35 -16.10
C VAL A 95 4.79 7.50 -17.05
N HIS A 96 4.00 8.59 -17.02
CA HIS A 96 4.38 9.80 -17.76
C HIS A 96 3.88 11.02 -16.99
N LEU A 97 4.14 12.23 -17.54
CA LEU A 97 3.91 13.47 -16.81
C LEU A 97 3.24 14.46 -17.75
N HIS A 98 2.36 15.29 -17.20
CA HIS A 98 1.80 16.42 -17.93
C HIS A 98 2.21 17.72 -17.24
N TRP A 99 2.40 18.77 -18.06
CA TRP A 99 2.75 20.09 -17.54
C TRP A 99 2.18 21.15 -18.48
N GLY A 100 2.36 22.42 -18.10
CA GLY A 100 1.96 23.54 -18.98
C GLY A 100 3.15 24.45 -19.24
N SER A 101 2.93 25.54 -20.01
CA SER A 101 4.08 26.43 -20.21
C SER A 101 4.34 27.32 -18.98
N ALA A 102 3.38 27.41 -18.07
CA ALA A 102 3.57 28.16 -16.84
C ALA A 102 3.37 27.25 -15.62
N ASP A 103 4.15 27.52 -14.56
CA ASP A 103 4.07 26.69 -13.35
C ASP A 103 2.74 26.78 -12.62
N ASP A 104 1.91 27.79 -12.88
CA ASP A 104 0.66 27.77 -12.11
C ASP A 104 -0.54 27.28 -12.93
N HIS A 105 -0.27 26.62 -14.07
CA HIS A 105 -1.36 26.06 -14.83
C HIS A 105 -0.84 24.86 -15.63
N GLY A 106 -0.57 23.73 -14.97
CA GLY A 106 0.10 22.63 -15.65
C GLY A 106 -0.64 21.30 -15.51
N SER A 107 -1.55 21.17 -14.52
CA SER A 107 -2.15 19.86 -14.33
C SER A 107 -3.33 19.62 -15.29
N GLU A 108 -3.84 18.37 -15.34
CA GLU A 108 -5.00 18.04 -16.14
C GLU A 108 -6.26 18.15 -15.28
N HIS A 109 -6.29 17.40 -14.18
CA HIS A 109 -7.38 17.57 -13.22
C HIS A 109 -7.17 18.89 -12.49
N ILE A 110 -8.29 19.53 -12.11
CA ILE A 110 -8.21 20.84 -11.47
C ILE A 110 -9.07 20.68 -10.20
N VAL A 111 -8.54 21.10 -9.05
CA VAL A 111 -9.22 20.87 -7.76
C VAL A 111 -9.67 22.20 -7.13
N ASP A 112 -10.99 22.41 -7.09
CA ASP A 112 -11.53 23.69 -6.61
C ASP A 112 -10.85 24.86 -7.30
N GLY A 113 -10.68 24.73 -8.61
CA GLY A 113 -10.12 25.80 -9.43
C GLY A 113 -8.60 25.87 -9.41
N VAL A 114 -7.94 25.00 -8.61
CA VAL A 114 -6.49 25.02 -8.54
C VAL A 114 -5.93 24.06 -9.59
N SER A 115 -5.11 24.63 -10.49
CA SER A 115 -4.33 23.82 -11.38
C SER A 115 -2.94 23.73 -10.78
N TYR A 116 -2.40 22.50 -10.62
CA TYR A 116 -1.07 22.33 -10.05
C TYR A 116 -0.01 22.52 -11.12
N ALA A 117 1.27 22.47 -10.69
CA ALA A 117 2.32 22.70 -11.69
C ALA A 117 2.43 21.57 -12.71
N ALA A 118 2.13 20.33 -12.29
CA ALA A 118 2.27 19.19 -13.19
C ALA A 118 1.40 18.09 -12.62
N GLU A 119 1.23 17.02 -13.39
CA GLU A 119 0.46 15.86 -12.90
C GLU A 119 1.12 14.61 -13.48
N LEU A 120 1.42 13.65 -12.58
CA LEU A 120 2.04 12.38 -12.95
C LEU A 120 0.89 11.39 -13.11
N HIS A 121 0.97 10.59 -14.15
CA HIS A 121 -0.03 9.53 -14.36
C HIS A 121 0.67 8.18 -14.35
N VAL A 122 0.12 7.23 -13.54
CA VAL A 122 0.65 5.88 -13.42
C VAL A 122 -0.39 4.95 -14.01
N VAL A 123 -0.06 4.28 -15.14
CA VAL A 123 -1.08 3.58 -15.95
C VAL A 123 -0.99 2.08 -15.69
N HIS A 124 -2.16 1.47 -15.44
CA HIS A 124 -2.22 0.04 -15.10
C HIS A 124 -3.36 -0.62 -15.86
N TRP A 125 -3.28 -1.95 -16.05
CA TRP A 125 -4.29 -2.63 -16.85
C TRP A 125 -4.80 -3.88 -16.13
N ASN A 126 -6.06 -4.25 -16.37
CA ASN A 126 -6.70 -5.31 -15.59
C ASN A 126 -6.30 -6.69 -16.15
N SER A 127 -5.23 -7.26 -15.59
CA SER A 127 -4.71 -8.55 -16.06
C SER A 127 -5.53 -9.72 -15.52
N ASP A 128 -6.38 -9.48 -14.53
CA ASP A 128 -7.28 -10.51 -14.02
C ASP A 128 -8.36 -10.85 -15.04
N LYS A 129 -8.70 -9.92 -15.96
CA LYS A 129 -9.79 -10.09 -16.89
C LYS A 129 -9.38 -10.05 -18.37
N TYR A 130 -8.25 -9.41 -18.69
CA TYR A 130 -7.82 -9.19 -20.08
C TYR A 130 -6.41 -9.70 -20.26
N PRO A 131 -6.06 -10.21 -21.46
CA PRO A 131 -4.75 -10.85 -21.66
C PRO A 131 -3.60 -9.89 -21.96
N SER A 132 -3.93 -8.65 -22.28
CA SER A 132 -2.88 -7.67 -22.56
C SER A 132 -3.41 -6.25 -22.35
N PHE A 133 -2.46 -5.30 -22.22
CA PHE A 133 -2.77 -3.87 -22.17
C PHE A 133 -3.64 -3.44 -23.37
N VAL A 134 -3.30 -3.91 -24.58
CA VAL A 134 -4.03 -3.41 -25.73
C VAL A 134 -5.48 -3.86 -25.66
N GLU A 135 -5.72 -5.13 -25.28
CA GLU A 135 -7.12 -5.57 -25.21
C GLU A 135 -7.86 -4.82 -24.09
N ALA A 136 -7.20 -4.62 -22.93
CA ALA A 136 -7.83 -3.96 -21.80
C ALA A 136 -8.20 -2.51 -22.13
N ALA A 137 -7.40 -1.90 -22.99
CA ALA A 137 -7.56 -0.47 -23.27
C ALA A 137 -8.90 -0.22 -23.94
N HIS A 138 -9.53 -1.29 -24.48
CA HIS A 138 -10.82 -1.18 -25.16
C HIS A 138 -12.04 -1.65 -24.36
N GLU A 139 -11.93 -1.77 -23.04
CA GLU A 139 -13.04 -2.21 -22.22
C GLU A 139 -13.26 -1.21 -21.09
N PRO A 140 -14.51 -0.98 -20.64
CA PRO A 140 -14.79 0.00 -19.59
C PRO A 140 -14.04 -0.21 -18.29
N ASP A 141 -13.75 -1.47 -17.96
CA ASP A 141 -13.00 -1.72 -16.73
C ASP A 141 -11.57 -2.16 -17.03
N GLY A 142 -11.01 -1.76 -18.18
CA GLY A 142 -9.72 -2.31 -18.56
C GLY A 142 -8.53 -1.61 -17.90
N LEU A 143 -8.62 -0.29 -17.66
CA LEU A 143 -7.47 0.47 -17.19
C LEU A 143 -7.78 1.18 -15.87
N ALA A 144 -6.69 1.38 -15.11
CA ALA A 144 -6.74 2.24 -13.93
C ALA A 144 -5.53 3.18 -13.99
N VAL A 145 -5.79 4.47 -13.79
CA VAL A 145 -4.70 5.44 -13.82
C VAL A 145 -4.70 6.19 -12.48
N LEU A 146 -3.52 6.19 -11.83
CA LEU A 146 -3.34 6.91 -10.58
C LEU A 146 -2.76 8.25 -10.97
N GLY A 147 -3.44 9.33 -10.55
CA GLY A 147 -2.93 10.67 -10.77
C GLY A 147 -2.33 11.29 -9.50
N VAL A 148 -1.17 11.95 -9.68
CA VAL A 148 -0.46 12.53 -8.55
C VAL A 148 -0.14 13.98 -8.93
N PHE A 149 -0.59 14.96 -8.13
CA PHE A 149 -0.29 16.34 -8.47
C PHE A 149 1.11 16.72 -7.99
N LEU A 150 1.76 17.62 -8.75
CA LEU A 150 3.05 18.17 -8.33
C LEU A 150 2.89 19.68 -8.12
N GLN A 151 3.39 20.16 -7.00
CA GLN A 151 3.36 21.59 -6.71
C GLN A 151 4.77 22.12 -6.56
N ILE A 152 4.97 23.38 -6.98
CA ILE A 152 6.32 23.94 -6.92
C ILE A 152 6.72 24.08 -5.46
N GLY A 153 7.96 23.66 -5.19
CA GLY A 153 8.49 23.68 -3.84
C GLY A 153 9.97 23.32 -3.80
N GLU A 154 10.36 22.62 -2.74
CA GLU A 154 11.69 22.03 -2.63
C GLU A 154 11.90 21.12 -3.85
N PRO A 155 13.14 21.00 -4.39
CA PRO A 155 13.44 19.97 -5.38
C PRO A 155 13.09 18.60 -4.81
N ASN A 156 12.62 17.72 -5.71
CA ASN A 156 12.24 16.37 -5.34
C ASN A 156 13.37 15.45 -5.75
N SER A 157 14.06 14.86 -4.75
CA SER A 157 15.18 14.00 -5.12
C SER A 157 14.75 12.74 -5.85
N GLN A 158 13.48 12.36 -5.70
CA GLN A 158 12.93 11.19 -6.36
C GLN A 158 12.64 11.45 -7.85
N LEU A 159 12.73 12.71 -8.34
CA LEU A 159 12.62 13.01 -9.75
C LEU A 159 13.99 13.13 -10.44
N GLN A 160 15.08 13.02 -9.69
CA GLN A 160 16.41 13.33 -10.18
C GLN A 160 16.85 12.28 -11.20
N LYS A 161 16.52 11.01 -10.93
CA LYS A 161 16.84 9.95 -11.86
C LYS A 161 16.22 10.30 -13.23
N ILE A 162 14.97 10.79 -13.23
CA ILE A 162 14.33 11.09 -14.50
C ILE A 162 15.03 12.27 -15.20
N THR A 163 15.21 13.38 -14.48
CA THR A 163 15.69 14.60 -15.10
C THR A 163 17.09 14.37 -15.67
N ASP A 164 17.91 13.55 -14.99
CA ASP A 164 19.23 13.18 -15.50
C ASP A 164 19.20 12.49 -16.87
N THR A 165 18.10 11.83 -17.24
CA THR A 165 18.06 11.15 -18.53
C THR A 165 17.62 12.03 -19.67
N LEU A 166 17.09 13.23 -19.39
CA LEU A 166 16.30 13.87 -20.43
C LEU A 166 17.21 14.30 -21.57
N ASP A 167 18.45 14.67 -21.26
CA ASP A 167 19.35 15.06 -22.33
C ASP A 167 19.54 13.92 -23.36
N SER A 168 19.44 12.66 -22.94
CA SER A 168 19.69 11.58 -23.86
C SER A 168 18.46 11.19 -24.67
N ILE A 169 17.30 11.80 -24.34
CA ILE A 169 16.07 11.46 -25.03
C ILE A 169 15.43 12.75 -25.52
N LYS A 170 16.25 13.72 -25.98
CA LYS A 170 15.69 15.00 -26.37
C LYS A 170 14.74 14.90 -27.56
N GLU A 171 15.09 14.11 -28.59
CA GLU A 171 14.27 14.00 -29.80
C GLU A 171 13.22 12.91 -29.65
N LYS A 172 12.07 13.12 -30.29
CA LYS A 172 10.99 12.13 -30.38
C LYS A 172 11.53 10.79 -30.92
N GLY A 173 11.26 9.73 -30.16
CA GLY A 173 11.61 8.35 -30.50
C GLY A 173 12.89 7.85 -29.84
N LYS A 174 13.69 8.73 -29.23
CA LYS A 174 14.86 8.27 -28.51
C LYS A 174 14.47 7.52 -27.23
N GLN A 175 15.31 6.55 -26.88
CA GLN A 175 15.06 5.75 -25.69
C GLN A 175 16.39 5.40 -25.04
N THR A 176 16.35 5.21 -23.73
CA THR A 176 17.54 4.83 -22.97
C THR A 176 17.14 3.89 -21.82
N ARG A 177 18.11 3.07 -21.37
CA ARG A 177 17.90 2.19 -20.24
C ARG A 177 17.47 2.99 -19.02
N PHE A 178 16.54 2.41 -18.24
CA PHE A 178 16.09 3.12 -17.05
C PHE A 178 15.61 2.07 -16.04
N THR A 179 16.43 1.77 -15.04
CA THR A 179 16.07 0.67 -14.17
C THR A 179 16.39 1.02 -12.72
N ASN A 180 15.96 0.17 -11.80
N ASN A 180 15.93 0.18 -11.79
CA ASN A 180 16.11 0.38 -10.36
CA ASN A 180 16.12 0.38 -10.37
C ASN A 180 15.49 1.73 -9.99
C ASN A 180 15.49 1.72 -9.98
N PHE A 181 14.18 1.86 -10.27
CA PHE A 181 13.44 3.10 -10.06
C PHE A 181 12.40 2.86 -8.96
N ASP A 182 12.51 3.60 -7.86
CA ASP A 182 11.65 3.34 -6.71
C ASP A 182 10.39 4.21 -6.80
N LEU A 183 9.44 3.78 -7.63
CA LEU A 183 8.25 4.58 -7.90
C LEU A 183 7.45 4.74 -6.61
N LEU A 184 7.51 3.70 -5.74
CA LEU A 184 6.73 3.81 -4.51
C LEU A 184 7.12 5.06 -3.72
N SER A 185 8.43 5.38 -3.73
CA SER A 185 8.92 6.52 -2.95
C SER A 185 8.56 7.87 -3.56
N LEU A 186 8.06 7.90 -4.79
CA LEU A 186 7.64 9.16 -5.36
C LEU A 186 6.23 9.54 -4.88
N LEU A 187 5.40 8.55 -4.47
CA LEU A 187 4.03 8.82 -4.07
C LEU A 187 3.99 9.60 -2.77
N PRO A 188 2.92 10.38 -2.53
CA PRO A 188 2.76 11.14 -1.29
C PRO A 188 2.46 10.18 -0.12
N PRO A 189 2.60 10.68 1.12
CA PRO A 189 2.41 9.83 2.32
C PRO A 189 0.97 9.37 2.59
N SER A 190 -0.03 10.20 2.21
CA SER A 190 -1.44 9.84 2.28
C SER A 190 -1.93 9.30 0.94
N TRP A 191 -2.63 8.16 0.98
CA TRP A 191 -3.23 7.63 -0.24
C TRP A 191 -4.74 7.88 -0.31
N ASP A 192 -5.26 8.94 0.33
CA ASP A 192 -6.66 9.39 0.16
C ASP A 192 -6.89 9.82 -1.29
N TYR A 193 -8.08 9.52 -1.84
CA TYR A 193 -8.22 9.75 -3.28
C TYR A 193 -9.66 10.10 -3.64
N TRP A 194 -9.82 10.66 -4.85
CA TRP A 194 -11.12 10.74 -5.52
C TRP A 194 -11.16 9.74 -6.68
N THR A 195 -12.34 9.30 -7.10
CA THR A 195 -12.38 8.42 -8.27
C THR A 195 -13.63 8.71 -9.11
N TYR A 196 -13.50 8.47 -10.42
CA TYR A 196 -14.62 8.57 -11.35
C TYR A 196 -14.27 7.77 -12.59
N PRO A 197 -15.27 7.38 -13.41
CA PRO A 197 -15.01 6.71 -14.68
C PRO A 197 -14.71 7.74 -15.75
N GLY A 198 -13.62 7.48 -16.49
CA GLY A 198 -13.26 8.43 -17.53
C GLY A 198 -12.50 7.80 -18.69
N SER A 199 -11.55 8.60 -19.23
CA SER A 199 -10.94 8.21 -20.49
C SER A 199 -9.43 8.45 -20.43
N LEU A 200 -8.74 7.91 -21.45
CA LEU A 200 -7.39 8.41 -21.74
C LEU A 200 -7.49 9.91 -22.01
N THR A 201 -6.43 10.64 -21.68
CA THR A 201 -6.44 12.09 -21.95
C THR A 201 -5.63 12.46 -23.18
N VAL A 202 -5.21 11.43 -23.92
CA VAL A 202 -4.60 11.65 -25.24
C VAL A 202 -5.29 10.75 -26.25
N PRO A 203 -5.26 11.06 -27.56
CA PRO A 203 -5.75 10.08 -28.54
C PRO A 203 -5.13 8.73 -28.29
N PRO A 204 -5.87 7.59 -28.40
CA PRO A 204 -7.25 7.57 -28.90
C PRO A 204 -8.44 7.89 -27.97
N LEU A 205 -8.18 8.42 -26.75
CA LEU A 205 -9.21 8.98 -25.89
C LEU A 205 -10.23 7.92 -25.43
N LEU A 206 -9.78 6.66 -25.34
CA LEU A 206 -10.68 5.52 -25.09
C LEU A 206 -11.31 5.66 -23.70
N GLU A 207 -12.61 5.37 -23.55
CA GLU A 207 -13.35 5.45 -22.29
C GLU A 207 -13.23 4.15 -21.49
N SER A 208 -12.00 3.85 -21.09
CA SER A 208 -11.66 2.57 -20.44
C SER A 208 -11.00 2.79 -19.06
N VAL A 209 -11.05 4.02 -18.52
CA VAL A 209 -10.17 4.33 -17.39
C VAL A 209 -10.97 4.53 -16.11
N THR A 210 -10.58 3.81 -15.06
CA THR A 210 -11.01 4.16 -13.72
C THR A 210 -9.94 5.10 -13.16
N TRP A 211 -10.33 6.39 -12.99
CA TRP A 211 -9.37 7.38 -12.48
C TRP A 211 -9.31 7.36 -10.95
N ILE A 212 -8.07 7.34 -10.42
CA ILE A 212 -7.88 7.45 -8.97
C ILE A 212 -6.93 8.62 -8.81
N VAL A 213 -7.45 9.76 -8.35
CA VAL A 213 -6.64 10.97 -8.23
C VAL A 213 -6.33 11.21 -6.76
N LEU A 214 -5.03 11.19 -6.40
CA LEU A 214 -4.69 11.37 -4.99
C LEU A 214 -4.85 12.84 -4.60
N LYS A 215 -5.37 13.07 -3.39
CA LYS A 215 -5.55 14.41 -2.88
C LYS A 215 -4.25 15.14 -2.56
N GLN A 216 -3.27 14.45 -1.98
CA GLN A 216 -2.05 15.08 -1.47
C GLN A 216 -1.03 15.26 -2.59
N PRO A 217 -0.63 16.49 -2.95
N PRO A 217 -0.52 16.47 -2.84
CA PRO A 217 0.40 16.72 -3.97
CA PRO A 217 0.50 16.63 -3.86
C PRO A 217 1.83 16.50 -3.45
C PRO A 217 1.89 16.20 -3.38
N ILE A 218 2.79 16.16 -4.37
CA ILE A 218 4.21 16.01 -4.06
C ILE A 218 4.92 17.27 -4.60
N ASN A 219 6.19 17.43 -4.20
CA ASN A 219 6.87 18.66 -4.60
C ASN A 219 7.72 18.49 -5.86
N ILE A 220 7.96 19.61 -6.57
CA ILE A 220 8.96 19.67 -7.64
C ILE A 220 9.54 21.08 -7.62
N SER A 221 10.81 21.25 -8.01
CA SER A 221 11.30 22.62 -8.17
C SER A 221 10.96 23.19 -9.57
N SER A 222 10.94 24.53 -9.68
N SER A 222 10.95 24.54 -9.67
CA SER A 222 10.73 25.17 -10.98
CA SER A 222 10.74 25.20 -10.96
C SER A 222 11.83 24.74 -11.95
C SER A 222 11.84 24.78 -11.95
N GLN A 223 13.08 24.61 -11.47
CA GLN A 223 14.16 24.20 -12.35
C GLN A 223 13.97 22.78 -12.90
N GLN A 224 13.47 21.87 -12.05
CA GLN A 224 13.27 20.49 -12.45
C GLN A 224 12.18 20.49 -13.52
N LEU A 225 11.09 21.22 -13.27
CA LEU A 225 9.98 21.19 -14.19
C LEU A 225 10.38 21.82 -15.53
N ALA A 226 11.15 22.93 -15.50
CA ALA A 226 11.60 23.56 -16.74
C ALA A 226 12.38 22.59 -17.64
N LYS A 227 13.12 21.61 -17.08
CA LYS A 227 13.86 20.64 -17.88
C LYS A 227 12.92 19.84 -18.78
N PHE A 228 11.69 19.51 -18.31
CA PHE A 228 10.80 18.72 -19.18
C PHE A 228 10.43 19.49 -20.45
N ARG A 229 10.33 20.82 -20.35
CA ARG A 229 9.92 21.60 -21.53
C ARG A 229 11.01 21.65 -22.59
N SER A 230 12.21 21.14 -22.28
CA SER A 230 13.26 21.07 -23.28
C SER A 230 13.17 19.82 -24.15
N LEU A 231 12.25 18.88 -23.81
CA LEU A 231 12.06 17.76 -24.73
C LEU A 231 11.50 18.29 -26.05
N LEU A 232 11.80 17.61 -27.17
CA LEU A 232 11.14 17.99 -28.42
C LEU A 232 9.92 17.13 -28.75
N CYS A 233 8.95 17.71 -29.48
CA CYS A 233 7.87 16.94 -30.05
C CYS A 233 8.20 16.43 -31.47
N THR A 234 9.44 16.63 -31.90
CA THR A 234 9.87 16.38 -33.27
C THR A 234 11.00 15.37 -33.28
N ALA A 235 11.11 14.56 -34.35
CA ALA A 235 12.20 13.59 -34.47
C ALA A 235 13.52 14.19 -35.00
N GLU A 236 14.62 13.45 -34.78
CA GLU A 236 15.95 13.81 -35.27
C GLU A 236 15.81 14.16 -36.75
N GLY A 237 16.47 15.25 -37.14
CA GLY A 237 16.47 15.73 -38.51
C GLY A 237 15.14 16.35 -38.99
N GLU A 238 14.16 16.59 -38.09
CA GLU A 238 13.04 17.46 -38.42
C GLU A 238 13.31 18.83 -37.78
N ALA A 239 12.64 19.86 -38.29
CA ALA A 239 12.68 21.19 -37.70
C ALA A 239 12.18 21.13 -36.25
N ALA A 240 13.01 21.55 -35.29
CA ALA A 240 12.74 21.32 -33.88
C ALA A 240 11.52 22.12 -33.41
N ALA A 241 10.71 21.49 -32.55
CA ALA A 241 9.72 22.25 -31.80
C ALA A 241 9.64 21.64 -30.40
N PHE A 242 9.45 22.53 -29.42
CA PHE A 242 9.63 22.09 -28.02
C PHE A 242 8.29 21.75 -27.40
N LEU A 243 8.32 20.76 -26.48
CA LEU A 243 7.11 20.29 -25.81
C LEU A 243 6.87 21.12 -24.54
N VAL A 244 6.44 22.39 -24.75
CA VAL A 244 6.36 23.34 -23.64
C VAL A 244 5.12 23.12 -22.79
N SER A 245 4.16 22.40 -23.35
CA SER A 245 2.87 22.16 -22.70
C SER A 245 2.23 20.91 -23.32
N ASN A 246 1.60 20.06 -22.48
CA ASN A 246 1.06 18.79 -22.96
C ASN A 246 -0.09 18.37 -22.05
N HIS A 247 -0.95 19.31 -21.68
CA HIS A 247 -2.15 18.98 -20.88
C HIS A 247 -3.43 19.28 -21.65
N ARG A 248 -4.40 18.40 -21.46
CA ARG A 248 -5.71 18.57 -22.10
C ARG A 248 -6.61 19.39 -21.18
N PRO A 249 -7.44 20.32 -21.69
CA PRO A 249 -8.39 21.04 -20.86
C PRO A 249 -9.49 20.16 -20.25
N PRO A 250 -10.14 20.61 -19.16
CA PRO A 250 -11.17 19.78 -18.49
C PRO A 250 -12.41 19.59 -19.38
N GLN A 251 -13.08 18.43 -19.22
CA GLN A 251 -14.16 18.00 -20.08
C GLN A 251 -15.45 17.92 -19.26
N PRO A 252 -16.64 18.05 -19.90
CA PRO A 252 -17.91 18.04 -19.17
C PRO A 252 -18.18 16.76 -18.35
N LEU A 253 -18.72 16.92 -17.11
CA LEU A 253 -18.98 15.77 -16.25
C LEU A 253 -20.07 14.84 -16.79
N LYS A 254 -21.10 15.38 -17.46
CA LYS A 254 -22.10 14.57 -18.11
C LYS A 254 -22.74 13.55 -17.14
N GLY A 255 -22.99 13.98 -15.90
CA GLY A 255 -23.79 13.17 -14.99
C GLY A 255 -23.02 12.06 -14.28
N ARG A 256 -21.70 11.96 -14.55
CA ARG A 256 -20.86 11.03 -13.77
C ARG A 256 -20.75 11.39 -12.29
N LYS A 257 -20.62 10.34 -11.45
CA LYS A 257 -20.46 10.53 -10.02
C LYS A 257 -18.98 10.50 -9.66
N VAL A 258 -18.50 11.57 -9.02
CA VAL A 258 -17.13 11.59 -8.51
C VAL A 258 -17.21 11.21 -7.03
N ARG A 259 -16.44 10.19 -6.60
CA ARG A 259 -16.58 9.72 -5.21
C ARG A 259 -15.28 9.96 -4.47
N ALA A 260 -15.40 10.15 -3.16
CA ALA A 260 -14.24 10.39 -2.29
C ALA A 260 -14.04 9.21 -1.36
N SER A 261 -12.77 8.86 -1.14
CA SER A 261 -12.43 7.76 -0.20
C SER A 261 -12.43 8.22 1.25
N PHE A 262 -12.66 9.52 1.49
CA PHE A 262 -12.46 10.14 2.79
C PHE A 262 -13.51 11.22 3.02
N HIS A 263 -13.67 11.63 4.29
CA HIS A 263 -14.48 12.81 4.57
C HIS A 263 -13.97 13.52 5.83
N LEU B 5 15.06 -16.29 30.79
CA LEU B 5 14.01 -17.24 31.27
C LEU B 5 13.64 -18.21 30.15
N SER B 6 12.90 -19.25 30.53
CA SER B 6 12.62 -20.40 29.68
C SER B 6 11.12 -20.52 29.41
N TRP B 7 10.42 -19.40 29.16
CA TRP B 7 8.97 -19.48 28.92
C TRP B 7 8.68 -20.09 27.55
N GLY B 8 7.46 -20.65 27.40
CA GLY B 8 7.00 -21.15 26.11
C GLY B 8 5.50 -21.46 26.08
N TYR B 9 5.15 -22.54 25.36
CA TYR B 9 3.76 -22.95 25.23
C TYR B 9 3.61 -24.43 25.58
N ARG B 10 4.64 -24.96 26.25
CA ARG B 10 4.59 -26.38 26.64
C ARG B 10 3.88 -26.56 27.98
N GLU B 11 3.72 -27.82 28.43
CA GLU B 11 2.98 -28.07 29.65
C GLU B 11 3.53 -27.28 30.85
N HIS B 12 4.86 -27.25 31.01
CA HIS B 12 5.47 -26.74 32.23
C HIS B 12 5.92 -25.28 32.13
N ASN B 13 5.87 -24.68 30.93
CA ASN B 13 6.39 -23.31 30.77
C ASN B 13 5.34 -22.43 30.06
N GLY B 14 4.16 -23.00 29.86
CA GLY B 14 3.12 -22.40 29.01
C GLY B 14 2.32 -21.28 29.68
N PRO B 15 1.39 -20.61 28.97
CA PRO B 15 0.67 -19.46 29.49
C PRO B 15 0.13 -19.43 30.91
N ILE B 16 -0.39 -20.57 31.40
CA ILE B 16 -0.88 -20.65 32.78
C ILE B 16 0.23 -20.34 33.80
N HIS B 17 1.49 -20.63 33.45
CA HIS B 17 2.67 -20.54 34.30
C HIS B 17 3.35 -19.17 34.13
N TRP B 18 2.94 -18.35 33.13
CA TRP B 18 3.65 -17.10 32.96
C TRP B 18 3.59 -16.18 34.20
N LYS B 19 2.47 -16.17 34.93
CA LYS B 19 2.31 -15.30 36.10
C LYS B 19 3.33 -15.66 37.19
N GLU B 20 3.98 -16.82 37.07
CA GLU B 20 5.01 -17.22 38.03
C GLU B 20 6.27 -16.37 37.91
N PHE B 21 6.52 -15.82 36.72
CA PHE B 21 7.74 -15.07 36.50
C PHE B 21 7.48 -13.66 36.00
N PHE B 22 6.24 -13.34 35.57
CA PHE B 22 6.02 -12.07 34.92
C PHE B 22 4.88 -11.40 35.68
N PRO B 23 5.24 -10.42 36.53
CA PRO B 23 4.33 -9.79 37.48
C PRO B 23 3.03 -9.27 36.86
N ILE B 24 3.13 -8.73 35.65
CA ILE B 24 1.96 -8.06 35.06
C ILE B 24 0.99 -9.02 34.34
N ALA B 25 1.22 -10.33 34.34
CA ALA B 25 0.35 -11.27 33.62
C ALA B 25 -1.14 -11.20 33.97
N ASP B 26 -1.47 -10.79 35.22
CA ASP B 26 -2.86 -10.67 35.67
C ASP B 26 -3.26 -9.19 35.84
N GLY B 27 -2.63 -8.32 35.04
CA GLY B 27 -2.83 -6.88 35.11
C GLY B 27 -4.19 -6.45 34.53
N ASP B 28 -4.41 -5.14 34.51
CA ASP B 28 -5.72 -4.58 34.16
C ASP B 28 -5.85 -4.42 32.64
N GLN B 29 -4.71 -4.44 31.91
CA GLN B 29 -4.80 -4.21 30.46
C GLN B 29 -4.09 -5.32 29.67
N GLN B 30 -4.43 -6.58 29.95
CA GLN B 30 -3.77 -7.69 29.24
C GLN B 30 -4.50 -8.09 27.96
N SER B 31 -3.72 -8.71 27.05
CA SER B 31 -4.23 -9.13 25.74
C SER B 31 -3.91 -10.61 25.55
N PRO B 32 -4.54 -11.36 24.63
CA PRO B 32 -5.66 -10.88 23.82
C PRO B 32 -6.97 -10.88 24.63
N ILE B 33 -8.07 -10.58 23.93
CA ILE B 33 -9.38 -10.43 24.56
C ILE B 33 -10.43 -11.10 23.68
N GLU B 34 -11.62 -11.30 24.29
CA GLU B 34 -12.81 -11.62 23.51
C GLU B 34 -13.54 -10.34 23.11
N ILE B 35 -13.89 -10.23 21.81
CA ILE B 35 -14.61 -9.07 21.28
C ILE B 35 -16.09 -9.44 21.10
N LYS B 36 -16.97 -8.81 21.89
CA LYS B 36 -18.41 -9.01 21.71
C LYS B 36 -18.97 -7.87 20.86
N THR B 37 -19.36 -8.17 19.63
CA THR B 37 -19.65 -7.09 18.67
C THR B 37 -20.80 -6.18 19.12
N LYS B 38 -21.81 -6.73 19.82
CA LYS B 38 -22.94 -5.93 20.25
C LYS B 38 -22.55 -4.92 21.35
N GLU B 39 -21.38 -5.10 22.00
CA GLU B 39 -20.94 -4.18 23.04
C GLU B 39 -19.94 -3.16 22.47
N VAL B 40 -19.72 -3.14 21.15
CA VAL B 40 -18.63 -2.32 20.60
C VAL B 40 -19.10 -0.86 20.55
N LYS B 41 -18.23 0.06 20.99
CA LYS B 41 -18.51 1.48 21.01
C LYS B 41 -18.04 2.13 19.69
N TYR B 42 -18.97 2.54 18.81
CA TYR B 42 -18.56 3.31 17.63
C TYR B 42 -18.15 4.73 18.08
N ASP B 43 -16.99 5.22 17.57
CA ASP B 43 -16.38 6.43 18.12
C ASP B 43 -16.01 7.36 16.97
N SER B 44 -16.65 8.54 16.92
CA SER B 44 -16.47 9.46 15.80
C SER B 44 -15.09 10.13 15.82
N SER B 45 -14.35 9.97 16.92
CA SER B 45 -13.04 10.61 16.99
C SER B 45 -11.97 9.75 16.32
N LEU B 46 -12.27 8.47 16.10
CA LEU B 46 -11.30 7.60 15.38
C LEU B 46 -11.18 8.07 13.93
N ARG B 47 -9.99 7.85 13.35
CA ARG B 47 -9.66 8.18 11.95
C ARG B 47 -9.51 6.85 11.20
N PRO B 48 -9.57 6.83 9.84
CA PRO B 48 -9.26 5.61 9.09
C PRO B 48 -7.76 5.38 9.25
N LEU B 49 -7.36 4.10 9.12
CA LEU B 49 -5.97 3.70 9.14
C LEU B 49 -5.29 4.25 7.87
N SER B 50 -4.05 4.73 8.01
CA SER B 50 -3.18 4.99 6.85
C SER B 50 -1.99 4.02 6.95
N ILE B 51 -1.83 3.15 5.95
CA ILE B 51 -0.84 2.08 6.10
C ILE B 51 0.00 2.13 4.83
N LYS B 52 1.31 2.38 4.98
CA LYS B 52 2.17 2.29 3.81
C LYS B 52 3.34 1.38 4.17
N TYR B 53 3.42 0.22 3.51
CA TYR B 53 4.50 -0.74 3.73
C TYR B 53 5.34 -0.78 2.45
N ASP B 54 6.67 -0.69 2.59
CA ASP B 54 7.58 -0.70 1.47
C ASP B 54 8.28 -2.05 1.46
N PRO B 55 8.13 -2.86 0.40
CA PRO B 55 8.70 -4.20 0.35
C PRO B 55 10.21 -4.23 0.58
N SER B 56 10.88 -3.10 0.31
CA SER B 56 12.33 -3.12 0.57
C SER B 56 12.68 -3.01 2.05
N SER B 57 11.72 -2.74 2.94
CA SER B 57 11.99 -2.68 4.37
C SER B 57 12.35 -4.05 4.96
N ALA B 58 11.84 -5.14 4.37
CA ALA B 58 12.03 -6.46 4.96
C ALA B 58 13.50 -6.88 4.79
N LYS B 59 14.07 -7.48 5.84
CA LYS B 59 15.47 -7.93 5.79
C LYS B 59 15.65 -9.43 5.98
N ILE B 60 15.12 -9.99 7.09
CA ILE B 60 15.37 -11.38 7.45
C ILE B 60 14.09 -12.03 7.99
N ILE B 61 14.05 -13.36 7.91
CA ILE B 61 13.05 -14.13 8.63
C ILE B 61 13.80 -15.12 9.52
N SER B 62 13.33 -15.28 10.77
CA SER B 62 14.02 -16.15 11.70
C SER B 62 13.02 -16.96 12.53
N ASN B 63 13.52 -18.06 13.14
CA ASN B 63 12.75 -18.81 14.12
C ASN B 63 13.16 -18.36 15.53
N SER B 64 12.26 -17.68 16.25
CA SER B 64 12.57 -17.19 17.59
C SER B 64 12.46 -18.28 18.65
N GLY B 65 11.87 -19.41 18.29
CA GLY B 65 11.52 -20.48 19.22
C GLY B 65 10.05 -20.37 19.62
N HIS B 66 9.45 -19.22 19.28
CA HIS B 66 8.05 -18.97 19.63
C HIS B 66 7.15 -18.69 18.42
N SER B 67 7.72 -18.32 17.28
CA SER B 67 7.00 -18.12 16.02
C SER B 67 8.09 -17.92 14.96
N PHE B 68 7.74 -17.68 13.70
CA PHE B 68 8.70 -17.02 12.79
C PHE B 68 8.59 -15.52 13.04
N ASN B 69 9.72 -14.81 12.90
CA ASN B 69 9.68 -13.35 12.94
C ASN B 69 10.26 -12.84 11.63
N VAL B 70 9.52 -11.99 10.93
CA VAL B 70 10.13 -11.22 9.84
C VAL B 70 10.56 -9.89 10.45
N ASP B 71 11.87 -9.57 10.35
CA ASP B 71 12.41 -8.31 10.83
C ASP B 71 12.58 -7.26 9.71
N PHE B 72 12.23 -6.02 10.03
CA PHE B 72 12.27 -4.91 9.07
C PHE B 72 13.29 -3.88 9.50
N ASP B 73 13.94 -3.24 8.52
CA ASP B 73 14.76 -2.08 8.78
C ASP B 73 13.83 -0.99 9.31
N ASP B 74 14.01 -0.61 10.58
CA ASP B 74 13.14 0.34 11.26
C ASP B 74 13.95 1.61 11.64
N THR B 75 14.77 2.09 10.68
CA THR B 75 15.57 3.32 10.82
C THR B 75 14.97 4.47 10.02
N GLU B 76 14.01 4.18 9.13
CA GLU B 76 13.41 5.20 8.27
C GLU B 76 11.88 5.09 8.38
N ASN B 77 11.18 6.05 7.78
CA ASN B 77 9.72 6.10 7.79
C ASN B 77 9.13 5.63 6.47
N LYS B 78 9.77 4.65 5.79
CA LYS B 78 9.24 4.04 4.56
C LYS B 78 8.05 3.11 4.81
N SER B 79 7.96 2.50 6.02
CA SER B 79 6.88 1.57 6.34
C SER B 79 6.33 2.02 7.66
N VAL B 80 5.13 2.58 7.63
CA VAL B 80 4.60 3.23 8.82
C VAL B 80 3.09 3.09 8.87
N LEU B 81 2.56 3.19 10.11
CA LEU B 81 1.13 3.11 10.36
C LEU B 81 0.72 4.42 11.04
N ARG B 82 -0.36 5.03 10.54
CA ARG B 82 -0.81 6.32 11.07
C ARG B 82 -2.34 6.27 11.11
N GLY B 83 -2.93 7.20 11.88
CA GLY B 83 -4.40 7.31 11.84
C GLY B 83 -5.06 6.32 12.80
N GLY B 84 -6.33 5.96 12.55
CA GLY B 84 -7.04 5.10 13.47
C GLY B 84 -7.10 5.77 14.84
N PRO B 85 -6.75 5.06 15.96
CA PRO B 85 -6.71 5.64 17.29
C PRO B 85 -5.40 6.36 17.65
N LEU B 86 -4.44 6.37 16.71
CA LEU B 86 -3.05 6.71 16.99
C LEU B 86 -2.78 8.20 16.84
N THR B 87 -1.94 8.73 17.75
CA THR B 87 -1.37 10.06 17.55
C THR B 87 0.08 9.90 17.07
N GLY B 88 0.42 10.47 15.91
CA GLY B 88 1.81 10.37 15.45
C GLY B 88 2.05 9.13 14.58
N SER B 89 3.33 8.86 14.30
CA SER B 89 3.70 7.90 13.28
C SER B 89 4.32 6.68 13.96
N TYR B 90 3.82 5.49 13.59
CA TYR B 90 4.28 4.25 14.18
C TYR B 90 5.02 3.43 13.12
N ARG B 91 6.29 3.11 13.43
CA ARG B 91 7.20 2.53 12.44
C ARG B 91 7.11 1.00 12.52
N LEU B 92 7.02 0.35 11.35
CA LEU B 92 6.97 -1.11 11.28
C LEU B 92 8.26 -1.75 11.78
N ARG B 93 8.13 -2.78 12.63
CA ARG B 93 9.29 -3.45 13.24
C ARG B 93 9.37 -4.93 12.85
N GLN B 94 8.25 -5.64 13.02
CA GLN B 94 8.30 -7.08 12.80
C GLN B 94 6.90 -7.67 12.57
N VAL B 95 6.88 -8.85 11.94
CA VAL B 95 5.62 -9.57 11.71
C VAL B 95 5.83 -10.99 12.25
N HIS B 96 4.80 -11.58 12.87
CA HIS B 96 4.84 -12.98 13.29
C HIS B 96 3.41 -13.51 13.28
N LEU B 97 3.24 -14.81 13.54
CA LEU B 97 1.96 -15.50 13.39
C LEU B 97 1.68 -16.36 14.62
N HIS B 98 0.40 -16.43 14.99
CA HIS B 98 0.00 -17.33 16.05
C HIS B 98 -0.97 -18.38 15.50
N TRP B 99 -0.86 -19.61 16.02
CA TRP B 99 -1.76 -20.67 15.59
C TRP B 99 -1.99 -21.64 16.76
N GLY B 100 -2.94 -22.58 16.55
CA GLY B 100 -3.17 -23.58 17.58
C GLY B 100 -2.89 -24.97 17.03
N SER B 101 -3.07 -25.98 17.91
CA SER B 101 -2.73 -27.32 17.49
C SER B 101 -3.78 -27.91 16.54
N ALA B 102 -4.96 -27.28 16.41
CA ALA B 102 -5.97 -27.76 15.46
C ALA B 102 -6.56 -26.55 14.76
N ASP B 103 -7.09 -26.76 13.56
CA ASP B 103 -7.58 -25.64 12.75
C ASP B 103 -8.74 -24.86 13.37
N ASP B 104 -9.50 -25.48 14.31
CA ASP B 104 -10.77 -24.90 14.76
C ASP B 104 -10.50 -23.78 15.77
N HIS B 105 -9.28 -23.70 16.31
CA HIS B 105 -8.96 -22.59 17.20
C HIS B 105 -7.53 -22.22 17.52
N GLY B 106 -7.10 -21.14 16.92
CA GLY B 106 -5.69 -20.85 16.90
C GLY B 106 -5.46 -19.36 16.98
N SER B 107 -6.52 -18.60 16.70
CA SER B 107 -6.39 -17.14 16.84
C SER B 107 -6.27 -16.68 18.32
N GLU B 108 -5.66 -15.51 18.52
CA GLU B 108 -5.53 -14.99 19.89
C GLU B 108 -6.79 -14.24 20.32
N HIS B 109 -7.22 -13.28 19.48
CA HIS B 109 -8.52 -12.65 19.70
C HIS B 109 -9.64 -13.58 19.24
N ILE B 110 -10.80 -13.50 19.92
CA ILE B 110 -11.95 -14.35 19.57
C ILE B 110 -13.12 -13.40 19.37
N VAL B 111 -13.93 -13.57 18.33
CA VAL B 111 -15.00 -12.62 17.99
C VAL B 111 -16.35 -13.33 18.15
N ASP B 112 -17.12 -12.84 19.13
CA ASP B 112 -18.43 -13.43 19.46
C ASP B 112 -18.31 -14.96 19.63
N GLY B 113 -17.27 -15.43 20.34
CA GLY B 113 -17.06 -16.86 20.56
C GLY B 113 -16.48 -17.67 19.38
N VAL B 114 -16.28 -17.03 18.22
CA VAL B 114 -15.62 -17.68 17.12
C VAL B 114 -14.11 -17.43 17.14
N SER B 115 -13.37 -18.55 17.08
CA SER B 115 -11.94 -18.56 16.83
C SER B 115 -11.70 -18.70 15.32
N TYR B 116 -10.63 -18.05 14.88
CA TYR B 116 -10.12 -18.36 13.56
C TYR B 116 -8.99 -19.36 13.71
N ALA B 117 -8.39 -19.74 12.58
CA ALA B 117 -7.37 -20.78 12.57
C ALA B 117 -6.01 -20.20 12.99
N ALA B 118 -5.78 -18.91 12.64
CA ALA B 118 -4.48 -18.33 12.99
C ALA B 118 -4.62 -16.79 12.99
N GLU B 119 -3.58 -16.07 13.44
CA GLU B 119 -3.70 -14.62 13.54
C GLU B 119 -2.32 -14.04 13.30
N LEU B 120 -2.23 -13.14 12.31
CA LEU B 120 -0.98 -12.45 11.97
C LEU B 120 -0.91 -11.16 12.77
N HIS B 121 0.25 -10.87 13.34
CA HIS B 121 0.48 -9.64 14.08
C HIS B 121 1.60 -8.83 13.42
N VAL B 122 1.30 -7.52 13.21
CA VAL B 122 2.25 -6.61 12.58
C VAL B 122 2.58 -5.57 13.65
N VAL B 123 3.83 -5.53 14.11
CA VAL B 123 4.21 -4.79 15.32
C VAL B 123 4.89 -3.48 14.90
N HIS B 124 4.44 -2.36 15.47
CA HIS B 124 4.96 -1.02 15.18
C HIS B 124 5.31 -0.26 16.46
N TRP B 125 6.19 0.76 16.36
CA TRP B 125 6.55 1.51 17.56
C TRP B 125 6.56 3.02 17.26
N ASN B 126 6.29 3.82 18.32
CA ASN B 126 6.14 5.26 18.16
C ASN B 126 7.49 5.95 18.04
N SER B 127 7.91 6.23 16.80
CA SER B 127 9.21 6.81 16.54
C SER B 127 9.13 8.35 16.58
N ASP B 128 7.93 8.90 16.79
CA ASP B 128 7.84 10.35 17.00
C ASP B 128 8.20 10.76 18.42
N LYS B 129 8.14 9.81 19.38
CA LYS B 129 8.41 10.08 20.79
C LYS B 129 9.59 9.32 21.38
N TYR B 130 9.88 8.10 20.85
CA TYR B 130 10.80 7.17 21.51
C TYR B 130 11.96 6.85 20.58
N PRO B 131 13.17 6.57 21.14
CA PRO B 131 14.37 6.35 20.30
C PRO B 131 14.49 4.95 19.72
N SER B 132 13.71 3.99 20.25
CA SER B 132 13.85 2.61 19.84
C SER B 132 12.59 1.84 20.20
N PHE B 133 12.42 0.70 19.55
CA PHE B 133 11.38 -0.26 19.92
C PHE B 133 11.50 -0.60 21.41
N VAL B 134 12.68 -0.95 21.88
CA VAL B 134 12.85 -1.37 23.26
C VAL B 134 12.33 -0.32 24.27
N GLU B 135 12.65 0.97 24.04
N GLU B 135 12.70 0.95 24.02
CA GLU B 135 12.16 1.96 24.99
CA GLU B 135 12.23 2.02 24.88
C GLU B 135 10.66 2.22 24.81
C GLU B 135 10.71 2.14 24.79
N ALA B 136 10.18 2.16 23.57
CA ALA B 136 8.77 2.37 23.32
C ALA B 136 7.94 1.27 24.00
N ALA B 137 8.52 0.08 24.15
CA ALA B 137 7.73 -1.06 24.67
C ALA B 137 7.44 -0.87 26.15
N HIS B 138 8.12 0.09 26.82
CA HIS B 138 7.86 0.40 28.22
C HIS B 138 6.96 1.62 28.43
N GLU B 139 6.27 2.09 27.41
CA GLU B 139 5.43 3.26 27.51
C GLU B 139 3.99 2.94 27.08
N PRO B 140 2.96 3.50 27.74
CA PRO B 140 1.58 3.22 27.36
C PRO B 140 1.23 3.49 25.90
N ASP B 141 1.81 4.53 25.31
CA ASP B 141 1.55 4.87 23.92
C ASP B 141 2.70 4.42 23.01
N GLY B 142 3.52 3.46 23.50
CA GLY B 142 4.72 3.10 22.77
C GLY B 142 4.49 2.26 21.51
N LEU B 143 3.56 1.29 21.56
CA LEU B 143 3.46 0.28 20.49
C LEU B 143 2.05 0.23 19.88
N ALA B 144 2.00 -0.19 18.61
CA ALA B 144 0.72 -0.44 17.97
C ALA B 144 0.86 -1.78 17.25
N VAL B 145 -0.14 -2.65 17.42
CA VAL B 145 -0.06 -3.95 16.74
C VAL B 145 -1.34 -4.11 15.92
N LEU B 146 -1.17 -4.43 14.62
CA LEU B 146 -2.29 -4.71 13.74
C LEU B 146 -2.45 -6.23 13.70
N GLY B 147 -3.71 -6.67 13.87
CA GLY B 147 -4.00 -8.08 13.87
C GLY B 147 -4.87 -8.45 12.69
N VAL B 148 -4.52 -9.56 12.02
CA VAL B 148 -5.25 -10.04 10.84
C VAL B 148 -5.62 -11.49 11.11
N PHE B 149 -6.92 -11.81 10.98
CA PHE B 149 -7.34 -13.20 11.20
C PHE B 149 -7.12 -14.01 9.94
N LEU B 150 -6.75 -15.31 10.12
CA LEU B 150 -6.71 -16.25 9.02
C LEU B 150 -7.75 -17.35 9.20
N GLN B 151 -8.66 -17.48 8.22
CA GLN B 151 -9.68 -18.53 8.25
C GLN B 151 -9.30 -19.65 7.30
N ILE B 152 -9.76 -20.87 7.59
CA ILE B 152 -9.49 -21.98 6.68
C ILE B 152 -10.26 -21.72 5.37
N GLY B 153 -9.53 -21.78 4.26
CA GLY B 153 -10.15 -21.67 2.95
C GLY B 153 -9.19 -22.21 1.89
N GLU B 154 -9.40 -21.78 0.65
CA GLU B 154 -8.51 -22.28 -0.38
C GLU B 154 -7.11 -21.70 -0.15
N PRO B 155 -6.01 -22.37 -0.57
CA PRO B 155 -4.67 -21.86 -0.27
C PRO B 155 -4.39 -20.46 -0.81
N ASN B 156 -3.63 -19.71 -0.01
CA ASN B 156 -3.35 -18.31 -0.23
C ASN B 156 -1.96 -18.18 -0.85
N SER B 157 -1.89 -17.71 -2.11
CA SER B 157 -0.59 -17.73 -2.78
C SER B 157 0.33 -16.65 -2.25
N GLN B 158 -0.23 -15.69 -1.50
CA GLN B 158 0.59 -14.62 -0.92
C GLN B 158 1.38 -15.11 0.29
N LEU B 159 1.09 -16.35 0.74
CA LEU B 159 1.84 -16.90 1.86
C LEU B 159 3.05 -17.70 1.36
N GLN B 160 3.14 -17.94 0.05
CA GLN B 160 4.22 -18.81 -0.43
C GLN B 160 5.61 -18.26 -0.05
N LYS B 161 5.82 -16.95 -0.08
CA LYS B 161 7.15 -16.43 0.20
C LYS B 161 7.61 -16.87 1.59
N ILE B 162 6.67 -16.87 2.56
CA ILE B 162 6.96 -17.30 3.92
C ILE B 162 7.15 -18.82 3.95
N THR B 163 6.22 -19.58 3.34
CA THR B 163 6.25 -21.02 3.59
C THR B 163 7.47 -21.67 2.91
N ASP B 164 7.90 -21.10 1.77
CA ASP B 164 9.11 -21.56 1.11
C ASP B 164 10.35 -21.51 2.03
N THR B 165 10.37 -20.62 3.05
CA THR B 165 11.54 -20.45 3.91
C THR B 165 11.55 -21.35 5.15
N LEU B 166 10.42 -22.03 5.44
CA LEU B 166 10.30 -22.62 6.76
C LEU B 166 11.29 -23.76 6.96
N ASP B 167 11.60 -24.52 5.89
CA ASP B 167 12.58 -25.60 6.06
C ASP B 167 13.94 -25.07 6.53
N SER B 168 14.36 -23.94 5.94
CA SER B 168 15.63 -23.30 6.26
C SER B 168 15.66 -22.67 7.66
N ILE B 169 14.50 -22.49 8.32
CA ILE B 169 14.50 -21.92 9.67
C ILE B 169 13.86 -22.89 10.68
N LYS B 170 14.02 -24.19 10.44
CA LYS B 170 13.25 -25.16 11.22
C LYS B 170 13.64 -25.11 12.70
N GLU B 171 14.95 -24.97 13.00
CA GLU B 171 15.38 -24.96 14.40
C GLU B 171 15.45 -23.53 14.98
N LYS B 172 15.30 -23.42 16.30
CA LYS B 172 15.31 -22.11 16.92
C LYS B 172 16.66 -21.43 16.72
N GLY B 173 16.63 -20.12 16.40
CA GLY B 173 17.85 -19.36 16.16
C GLY B 173 18.24 -19.23 14.67
N LYS B 174 17.68 -20.09 13.82
CA LYS B 174 18.05 -20.05 12.42
C LYS B 174 17.42 -18.81 11.76
N GLN B 175 18.12 -18.23 10.78
CA GLN B 175 17.59 -17.11 10.02
C GLN B 175 17.97 -17.23 8.56
N THR B 176 17.24 -16.50 7.73
CA THR B 176 17.57 -16.44 6.31
C THR B 176 17.16 -15.08 5.76
N ARG B 177 17.79 -14.69 4.65
CA ARG B 177 17.50 -13.47 3.95
C ARG B 177 16.01 -13.43 3.59
N PHE B 178 15.38 -12.27 3.78
CA PHE B 178 13.96 -12.21 3.42
C PHE B 178 13.65 -10.79 2.97
N THR B 179 13.70 -10.54 1.66
CA THR B 179 13.52 -9.18 1.20
C THR B 179 12.45 -9.10 0.09
N ASN B 180 12.03 -7.87 -0.24
CA ASN B 180 11.04 -7.71 -1.29
C ASN B 180 9.70 -8.36 -0.90
N PHE B 181 9.22 -8.07 0.33
CA PHE B 181 8.04 -8.76 0.86
C PHE B 181 6.80 -7.88 0.74
N ASP B 182 5.79 -8.43 0.03
CA ASP B 182 4.52 -7.73 -0.19
C ASP B 182 3.61 -7.91 1.04
N LEU B 183 3.91 -7.19 2.13
CA LEU B 183 3.11 -7.37 3.36
C LEU B 183 1.70 -6.84 3.16
N LEU B 184 1.53 -5.81 2.28
CA LEU B 184 0.16 -5.31 2.13
C LEU B 184 -0.76 -6.40 1.57
N SER B 185 -0.19 -7.38 0.85
CA SER B 185 -1.01 -8.39 0.20
C SER B 185 -1.58 -9.40 1.19
N LEU B 186 -1.14 -9.32 2.47
CA LEU B 186 -1.67 -10.18 3.52
C LEU B 186 -2.71 -9.43 4.35
N LEU B 187 -3.07 -8.21 3.91
CA LEU B 187 -4.19 -7.55 4.54
C LEU B 187 -5.44 -7.81 3.70
N PRO B 188 -6.62 -7.87 4.37
CA PRO B 188 -7.89 -8.01 3.67
C PRO B 188 -8.20 -6.70 2.96
N PRO B 189 -9.14 -6.72 1.99
CA PRO B 189 -9.52 -5.53 1.21
C PRO B 189 -10.08 -4.39 2.03
N SER B 190 -10.83 -4.71 3.08
CA SER B 190 -11.34 -3.68 3.98
C SER B 190 -10.42 -3.55 5.18
N TRP B 191 -10.16 -2.32 5.64
CA TRP B 191 -9.39 -2.11 6.85
C TRP B 191 -10.27 -1.66 8.02
N ASP B 192 -11.57 -2.02 7.98
CA ASP B 192 -12.43 -1.75 9.11
C ASP B 192 -11.86 -2.51 10.30
N TYR B 193 -11.91 -1.88 11.49
CA TYR B 193 -11.17 -2.45 12.62
C TYR B 193 -11.87 -2.20 13.94
N TRP B 194 -11.46 -3.00 14.94
CA TRP B 194 -11.74 -2.74 16.35
C TRP B 194 -10.44 -2.26 17.04
N THR B 195 -10.53 -1.46 18.12
CA THR B 195 -9.32 -1.01 18.83
C THR B 195 -9.55 -1.02 20.35
N TYR B 196 -8.51 -1.35 21.11
CA TYR B 196 -8.60 -1.22 22.57
C TYR B 196 -7.17 -1.16 23.11
N PRO B 197 -6.94 -0.70 24.35
CA PRO B 197 -5.59 -0.68 24.92
C PRO B 197 -5.25 -2.03 25.56
N GLY B 198 -4.05 -2.56 25.25
CA GLY B 198 -3.72 -3.85 25.82
C GLY B 198 -2.21 -4.04 25.93
N SER B 199 -1.76 -5.28 25.69
CA SER B 199 -0.42 -5.66 26.07
C SER B 199 0.23 -6.47 24.96
N LEU B 200 1.53 -6.71 25.15
CA LEU B 200 2.15 -7.83 24.45
C LEU B 200 1.43 -9.11 24.88
N THR B 201 1.32 -10.07 23.95
CA THR B 201 0.69 -11.37 24.29
C THR B 201 1.73 -12.45 24.62
N VAL B 202 3.01 -12.05 24.66
CA VAL B 202 4.10 -12.92 25.12
C VAL B 202 4.83 -12.21 26.25
N PRO B 203 5.54 -12.97 27.12
CA PRO B 203 6.42 -12.33 28.13
C PRO B 203 7.31 -11.34 27.40
N PRO B 204 7.59 -10.13 27.99
CA PRO B 204 7.14 -9.75 29.34
C PRO B 204 5.77 -9.12 29.53
N LEU B 205 4.87 -9.21 28.54
CA LEU B 205 3.44 -8.88 28.72
C LEU B 205 3.18 -7.41 29.02
N LEU B 206 4.09 -6.52 28.57
CA LEU B 206 4.05 -5.11 28.90
C LEU B 206 2.80 -4.46 28.34
N GLU B 207 2.21 -3.55 29.17
CA GLU B 207 0.95 -2.92 28.78
C GLU B 207 1.24 -1.63 28.02
N SER B 208 1.72 -1.81 26.77
CA SER B 208 2.20 -0.66 26.00
C SER B 208 1.59 -0.69 24.60
N VAL B 209 0.52 -1.50 24.41
CA VAL B 209 0.06 -1.75 23.04
C VAL B 209 -1.32 -1.14 22.77
N THR B 210 -1.41 -0.37 21.68
CA THR B 210 -2.70 -0.02 21.09
C THR B 210 -3.01 -1.07 20.02
N TRP B 211 -4.02 -1.91 20.32
CA TRP B 211 -4.38 -3.01 19.42
C TRP B 211 -5.33 -2.51 18.35
N ILE B 212 -5.09 -2.90 17.10
CA ILE B 212 -5.97 -2.59 15.98
C ILE B 212 -6.24 -3.94 15.31
N VAL B 213 -7.45 -4.47 15.48
CA VAL B 213 -7.75 -5.80 14.95
C VAL B 213 -8.70 -5.66 13.78
N LEU B 214 -8.28 -6.12 12.59
CA LEU B 214 -9.11 -5.98 11.40
C LEU B 214 -10.28 -6.98 11.44
N LYS B 215 -11.47 -6.53 11.01
N LYS B 215 -11.46 -6.52 10.99
CA LYS B 215 -12.66 -7.38 11.09
CA LYS B 215 -12.67 -7.34 11.07
C LYS B 215 -12.66 -8.47 10.01
C LYS B 215 -12.71 -8.43 10.01
N GLN B 216 -12.16 -8.15 8.82
CA GLN B 216 -12.22 -9.08 7.69
C GLN B 216 -11.05 -10.06 7.67
N PRO B 217 -11.29 -11.39 7.66
CA PRO B 217 -10.18 -12.34 7.58
C PRO B 217 -9.58 -12.55 6.19
N ILE B 218 -8.38 -13.16 6.18
CA ILE B 218 -7.76 -13.60 4.93
C ILE B 218 -7.77 -15.13 4.95
N ASN B 219 -7.52 -15.79 3.83
CA ASN B 219 -7.61 -17.25 3.87
C ASN B 219 -6.24 -17.92 4.08
N ILE B 220 -6.28 -19.17 4.57
CA ILE B 220 -5.12 -20.07 4.56
C ILE B 220 -5.67 -21.49 4.38
N SER B 221 -4.93 -22.41 3.69
CA SER B 221 -5.42 -23.79 3.69
C SER B 221 -4.92 -24.55 4.94
N SER B 222 -5.56 -25.71 5.21
CA SER B 222 -5.07 -26.56 6.30
C SER B 222 -3.63 -26.98 6.08
N GLN B 223 -3.30 -27.37 4.84
CA GLN B 223 -1.95 -27.82 4.53
C GLN B 223 -0.92 -26.69 4.75
N GLN B 224 -1.26 -25.46 4.34
CA GLN B 224 -0.32 -24.35 4.55
C GLN B 224 -0.12 -24.17 6.05
N LEU B 225 -1.21 -24.18 6.81
CA LEU B 225 -1.09 -23.88 8.24
C LEU B 225 -0.32 -24.98 8.96
N ALA B 226 -0.46 -26.26 8.53
CA ALA B 226 0.26 -27.34 9.17
C ALA B 226 1.77 -27.19 9.04
N LYS B 227 2.24 -26.51 7.99
CA LYS B 227 3.67 -26.32 7.78
C LYS B 227 4.28 -25.56 8.95
N PHE B 228 3.54 -24.57 9.49
CA PHE B 228 4.04 -23.80 10.65
C PHE B 228 4.25 -24.66 11.91
N ARG B 229 3.38 -25.68 12.06
CA ARG B 229 3.49 -26.47 13.28
C ARG B 229 4.73 -27.38 13.30
N SER B 230 5.39 -27.53 12.15
CA SER B 230 6.64 -28.31 12.10
C SER B 230 7.88 -27.52 12.49
N LEU B 231 7.75 -26.20 12.72
CA LEU B 231 8.87 -25.47 13.30
C LEU B 231 9.18 -26.02 14.69
N LEU B 232 10.47 -25.96 15.10
CA LEU B 232 10.83 -26.39 16.44
C LEU B 232 10.92 -25.23 17.41
N CYS B 233 10.69 -25.47 18.70
CA CYS B 233 10.96 -24.51 19.73
C CYS B 233 12.32 -24.77 20.37
N THR B 234 13.09 -25.66 19.75
CA THR B 234 14.39 -26.05 20.27
C THR B 234 15.47 -25.75 19.24
N ALA B 235 16.68 -25.52 19.75
CA ALA B 235 17.84 -25.25 18.91
C ALA B 235 18.42 -26.57 18.39
N GLU B 236 19.26 -26.48 17.36
CA GLU B 236 19.97 -27.63 16.81
C GLU B 236 20.77 -28.29 17.92
N GLY B 237 20.76 -29.63 17.96
CA GLY B 237 21.47 -30.40 18.97
C GLY B 237 20.64 -30.65 20.24
N GLU B 238 19.57 -29.90 20.45
CA GLU B 238 18.67 -30.14 21.56
C GLU B 238 17.68 -31.23 21.14
N ALA B 239 17.18 -31.99 22.10
CA ALA B 239 16.10 -32.93 21.81
C ALA B 239 14.93 -32.09 21.27
N ALA B 240 14.41 -32.51 20.12
CA ALA B 240 13.44 -31.77 19.29
C ALA B 240 12.11 -31.65 20.03
N ALA B 241 11.54 -30.42 20.09
CA ALA B 241 10.15 -30.24 20.48
C ALA B 241 9.53 -29.27 19.48
N PHE B 242 8.25 -29.51 19.13
CA PHE B 242 7.62 -28.78 18.04
C PHE B 242 6.72 -27.66 18.56
N LEU B 243 6.60 -26.64 17.72
CA LEU B 243 5.79 -25.47 18.05
C LEU B 243 4.40 -25.68 17.45
N VAL B 244 3.63 -26.64 18.02
CA VAL B 244 2.35 -26.98 17.42
C VAL B 244 1.30 -25.95 17.84
N SER B 245 1.57 -25.17 18.91
CA SER B 245 0.59 -24.15 19.34
C SER B 245 1.30 -22.98 20.02
N ASN B 246 0.93 -21.74 19.66
CA ASN B 246 1.66 -20.61 20.21
C ASN B 246 0.72 -19.42 20.43
N HIS B 247 -0.51 -19.66 20.90
CA HIS B 247 -1.45 -18.57 21.21
C HIS B 247 -1.73 -18.54 22.72
N ARG B 248 -1.93 -17.33 23.23
CA ARG B 248 -2.32 -17.09 24.62
C ARG B 248 -3.83 -16.99 24.65
N PRO B 249 -4.50 -17.67 25.61
CA PRO B 249 -5.96 -17.53 25.73
C PRO B 249 -6.33 -16.08 26.02
N PRO B 250 -7.55 -15.66 25.62
CA PRO B 250 -8.09 -14.35 25.97
C PRO B 250 -8.13 -14.11 27.47
N GLN B 251 -7.81 -12.87 27.82
CA GLN B 251 -7.79 -12.38 29.19
C GLN B 251 -8.99 -11.47 29.42
N PRO B 252 -9.43 -11.22 30.68
CA PRO B 252 -10.68 -10.47 30.87
C PRO B 252 -10.56 -8.99 30.47
N LEU B 253 -11.65 -8.40 29.98
CA LEU B 253 -11.62 -7.00 29.52
C LEU B 253 -11.40 -6.02 30.69
N LYS B 254 -11.88 -6.35 31.89
CA LYS B 254 -11.60 -5.53 33.06
C LYS B 254 -12.02 -4.07 32.83
N GLY B 255 -13.20 -3.85 32.23
CA GLY B 255 -13.63 -2.45 32.15
C GLY B 255 -13.26 -1.67 30.87
N ARG B 256 -12.28 -2.18 30.09
CA ARG B 256 -11.96 -1.51 28.82
C ARG B 256 -13.13 -1.60 27.84
N LYS B 257 -13.19 -0.64 26.91
CA LYS B 257 -14.16 -0.75 25.82
C LYS B 257 -13.46 -0.96 24.49
N VAL B 258 -14.05 -1.83 23.70
CA VAL B 258 -13.57 -2.05 22.37
C VAL B 258 -14.29 -1.02 21.51
N ARG B 259 -13.52 -0.24 20.77
CA ARG B 259 -14.11 0.81 19.94
C ARG B 259 -14.02 0.45 18.47
N ALA B 260 -14.98 0.96 17.69
CA ALA B 260 -14.83 0.83 16.25
C ALA B 260 -15.09 2.12 15.51
N SER B 261 -14.77 1.99 14.22
CA SER B 261 -14.55 2.99 13.18
C SER B 261 -15.80 3.05 12.30
#